data_7Z9P
#
_entry.id   7Z9P
#
_cell.length_a   38.576
_cell.length_b   40.320
_cell.length_c   40.577
_cell.angle_alpha   60.78
_cell.angle_beta   87.31
_cell.angle_gamma   61.62
#
_symmetry.space_group_name_H-M   'P 1'
#
loop_
_entity.id
_entity.type
_entity.pdbx_description
1 polymer "DNA (5'-D(P*GP*CP*GP*AP*AP*TP*TP*CP*GP*CP*G*(RID))-3')"
2 non-polymer Ridinilazole
3 non-polymer 'SULFATE ION'
4 non-polymer 'SODIUM ION'
5 non-polymer 'ZINC ION'
6 water water
#
_entity_poly.entity_id   1
_entity_poly.type   'polydeoxyribonucleotide'
_entity_poly.pdbx_seq_one_letter_code
;(DC)(DG)(DC)(DG)(DA)(DA)(DT)(DT)(DC)(DG)(DC)(DG)
;
_entity_poly.pdbx_strand_id   A,B,C,D,E,F
#
loop_
_chem_comp.id
_chem_comp.type
_chem_comp.name
_chem_comp.formula
DA DNA linking 2'-DEOXYADENOSINE-5'-MONOPHOSPHATE 'C10 H14 N5 O6 P'
DC DNA linking 2'-DEOXYCYTIDINE-5'-MONOPHOSPHATE 'C9 H14 N3 O7 P'
DG DNA linking 2'-DEOXYGUANOSINE-5'-MONOPHOSPHATE 'C10 H14 N5 O7 P'
DT DNA linking THYMIDINE-5'-MONOPHOSPHATE 'C10 H15 N2 O8 P'
IK7 non-polymer Ridinilazole 'C24 H16 N6'
NA non-polymer 'SODIUM ION' 'Na 1'
SO4 non-polymer 'SULFATE ION' 'O4 S -2'
ZN non-polymer 'ZINC ION' 'Zn 2'
#
# COMPACT_ATOMS: atom_id res chain seq x y z
N1 IK7 G . -4.96 4.32 -6.90
N3 IK7 G . -3.78 -1.70 -19.66
C5 IK7 G . -5.37 3.63 -8.03
C6 IK7 G . -6.47 2.81 -8.24
C7 IK7 G . -6.63 2.23 -9.48
C8 IK7 G . -5.71 2.43 -10.54
C10 IK7 G . -7.23 1.62 -12.39
C13 IK7 G . -5.08 0.21 -16.05
C15 IK7 G . -5.47 -0.57 -18.38
C17 IK7 G . -2.97 -1.56 -18.61
C20 IK7 G . -4.84 1.55 -12.73
C21 IK7 G . -4.62 3.28 -10.30
C22 IK7 G . -4.46 3.84 -9.05
C24 IK7 G . -1.61 7.75 -6.13
C23 IK7 G . -2.33 6.91 -6.95
C2 IK7 G . -3.04 5.75 -5.00
C1 IK7 G . -2.28 6.64 -4.28
C19 IK7 G . -5.09 1.03 -14.00
C16 IK7 G . -5.01 -1.20 -19.53
C12 IK7 G . -6.39 0.80 -14.44
C14 IK7 G . -4.60 -0.38 -17.32
C18 IK7 G . -3.33 -0.93 -17.43
C9 IK7 G . -5.92 1.84 -11.90
C11 IK7 G . -7.48 1.11 -13.63
C3 IK7 G . -3.04 5.86 -6.39
C4 IK7 G . -3.83 4.93 -7.25
N2 IK7 G . -6.36 0.27 -15.72
N4 IK7 G . -4.26 0.62 -15.04
N5 IK7 G . -3.49 4.67 -8.53
N6 IK7 G . -1.57 7.64 -4.81
S SO4 H . 0.69 10.16 -4.32
O1 SO4 H . -0.06 9.53 -3.25
O2 SO4 H . -0.11 11.24 -4.84
O3 SO4 H . 0.98 9.22 -5.40
O4 SO4 H . 1.94 10.65 -3.80
NA NA I . 11.08 9.30 -5.81
S SO4 J . 0.93 -14.77 9.34
O1 SO4 J . 0.85 -13.32 9.42
O2 SO4 J . -0.31 -15.27 8.75
O3 SO4 J . 1.08 -15.31 10.67
O4 SO4 J . 2.05 -15.18 8.52
S SO4 K . 1.73 -19.92 8.38
O1 SO4 K . 1.58 -18.46 8.43
O2 SO4 K . 0.57 -20.52 7.72
O3 SO4 K . 1.85 -20.45 9.73
O4 SO4 K . 2.92 -20.26 7.60
S SO4 L . -21.41 5.34 2.13
O1 SO4 L . -21.62 5.24 0.70
O2 SO4 L . -22.59 4.86 2.81
O3 SO4 L . -20.27 4.52 2.52
O4 SO4 L . -21.15 6.70 2.50
ZN ZN M . -2.87 -17.67 11.46
ZN ZN N . 1.03 -15.88 4.50
N1 IK7 O . -15.02 1.00 -3.17
N3 IK7 O . -4.71 -5.99 3.48
C5 IK7 O . -13.79 0.38 -3.05
C6 IK7 O . -12.94 -0.12 -4.04
C7 IK7 O . -11.76 -0.71 -3.65
C8 IK7 O . -11.39 -0.83 -2.29
C10 IK7 O . -8.94 -1.38 -2.73
C13 IK7 O . -7.02 -3.73 0.59
C15 IK7 O . -4.82 -4.51 1.59
C17 IK7 O . -6.05 -6.02 3.47
C20 IK7 O . -9.96 -2.12 -0.68
C21 IK7 O . -12.26 -0.32 -1.31
C22 IK7 O . -13.45 0.27 -1.70
C24 IK7 O . -18.14 3.14 -0.10
C23 IK7 O . -16.93 2.53 -0.35
C2 IK7 O . -17.74 2.02 -2.52
C1 IK7 O . -18.92 2.65 -2.17
C19 IK7 O . -8.75 -2.70 -0.34
C16 IK7 O . -4.13 -5.24 2.53
C12 IK7 O . -7.64 -2.63 -1.18
C14 IK7 O . -6.21 -4.52 1.60
C18 IK7 O . -6.83 -5.31 2.56
C9 IK7 O . -10.08 -1.45 -1.89
C11 IK7 O . -7.73 -1.97 -2.40
C3 IK7 O . -16.71 1.94 -1.59
C4 IK7 O . -15.40 1.26 -1.93
N2 IK7 O . -6.56 -3.28 -0.58
N4 IK7 O . -8.34 -3.41 0.78
N5 IK7 O . -14.49 0.85 -1.01
N6 IK7 O . -19.15 3.21 -0.99
N1 IK7 P . 12.93 -3.29 11.58
N3 IK7 P . 18.64 7.51 4.83
C5 IK7 P . 13.92 -2.36 11.31
C6 IK7 P . 14.99 -1.93 12.09
C7 IK7 P . 15.86 -1.00 11.56
C8 IK7 P . 15.70 -0.47 10.27
C10 IK7 P . 18.03 0.53 10.03
C13 IK7 P . 18.12 4.10 7.35
C15 IK7 P . 17.26 6.11 6.20
C17 IK7 P . 19.64 6.66 5.09
C20 IK7 P . 16.17 1.54 8.85
C21 IK7 P . 14.62 -0.92 9.49
C22 IK7 P . 13.74 -1.85 10.02
C24 IK7 P . 9.37 -5.74 11.28
C23 IK7 P . 10.47 -4.93 11.45
C2 IK7 P . 10.33 -4.41 9.15
C1 IK7 P . 9.23 -5.26 9.09
C19 IK7 P . 17.07 2.46 8.34
C16 IK7 P . 17.46 7.20 5.38
C12 IK7 P . 18.44 2.44 8.67
C14 IK7 P . 18.31 5.29 6.49
C18 IK7 P . 19.53 5.56 5.90
C9 IK7 P . 16.65 0.54 9.71
C11 IK7 P . 18.92 1.47 9.54
C3 IK7 P . 10.96 -4.22 10.36
C4 IK7 P . 12.17 -3.34 10.49
N2 IK7 P . 19.08 3.49 8.04
N4 IK7 P . 16.90 3.54 7.51
N5 IK7 P . 12.62 -2.50 9.51
N6 IK7 P . 8.73 -5.91 10.13
S SO4 Q . 16.87 10.24 3.11
O1 SO4 Q . 16.42 10.59 4.47
O2 SO4 Q . 16.51 11.26 2.20
O3 SO4 Q . 16.24 8.97 2.73
O4 SO4 Q . 18.31 10.08 3.09
ZN ZN R . 13.99 20.44 -1.32
#